data_3V5F
#
_entry.id   3V5F
#
_cell.length_a   105.986
_cell.length_b   122.853
_cell.length_c   134.263
_cell.angle_alpha   90.00
_cell.angle_beta   90.00
_cell.angle_gamma   90.00
#
_symmetry.space_group_name_H-M   'I 21 21 21'
#
loop_
_entity.id
_entity.type
_entity.pdbx_description
1 polymer 'Mandelate racemase/muconate lactonizing protein'
2 non-polymer 'MAGNESIUM ION'
3 non-polymer '4-(2-HYDROXYETHYL)-1-PIPERAZINE ETHANESULFONIC ACID'
4 water water
#
_entity_poly.entity_id   1
_entity_poly.type   'polypeptide(L)'
_entity_poly.pdbx_seq_one_letter_code
;MSLNITGIQSDWKVEKIEFAKLTGERARSAGANGRIGVHGKSCTVDIARITIDGQTGYGSSIHMTPEWAEDVIGRRLLDL
FDDRGRLREAYRLQLEYPVLDWLGQRQGKPVYDLVSGAHLETGASLVVPCYDTSLYFDDLHLADERAAVALMQEEAMQGY
AKGQRHFKIKVGRGGRHMPLWEGTKRDIAIVRGISEVAGPAGKIMIDANNAYNLNLTKEVLAALSDVNLYWLEAAFHEDE
ALYEDLKEWLGQRGQNVLIADGEGLASPHLIEWATRGRVDVLQYDIIWPGFTHWMELGEKLDAHGLRSAPHCYGNAYGIY
ASGHLSAAVRNFEFVEYDDITIEGMDVSGYRIENGEIHVPATPGFGIVFDDELVTYLINRSGWSEGHHHHHH
;
_entity_poly.pdbx_strand_id   A
#
loop_
_chem_comp.id
_chem_comp.type
_chem_comp.name
_chem_comp.formula
EPE non-polymer '4-(2-HYDROXYETHYL)-1-PIPERAZINE ETHANESULFONIC ACID' 'C8 H18 N2 O4 S'
MG non-polymer 'MAGNESIUM ION' 'Mg 2'
#
# COMPACT_ATOMS: atom_id res chain seq x y z
N SER A 2 3.22 -20.12 1.85
CA SER A 2 4.00 -20.18 3.08
C SER A 2 3.09 -20.03 4.31
N LEU A 3 1.79 -20.22 4.10
CA LEU A 3 0.84 -20.18 5.21
C LEU A 3 0.81 -21.50 5.99
N ASN A 4 0.84 -21.39 7.31
CA ASN A 4 0.75 -22.56 8.18
C ASN A 4 -0.68 -23.06 8.33
N ILE A 5 -1.03 -24.14 7.63
CA ILE A 5 -2.40 -24.67 7.64
C ILE A 5 -2.49 -26.11 8.17
N THR A 6 -1.50 -26.51 8.96
CA THR A 6 -1.48 -27.86 9.48
C THR A 6 -2.52 -28.05 10.59
N GLY A 7 -2.81 -26.96 11.30
CA GLY A 7 -3.73 -27.00 12.43
C GLY A 7 -5.18 -26.71 12.11
N ILE A 8 -5.54 -26.79 10.83
CA ILE A 8 -6.91 -26.55 10.39
C ILE A 8 -7.70 -27.85 10.31
N GLN A 9 -8.60 -28.08 11.27
CA GLN A 9 -9.43 -29.29 11.29
C GLN A 9 -10.29 -29.39 10.05
N SER A 10 -10.71 -30.60 9.72
CA SER A 10 -11.54 -30.83 8.54
C SER A 10 -13.02 -30.65 8.85
N ASP A 11 -13.35 -30.57 10.13
CA ASP A 11 -14.73 -30.30 10.54
C ASP A 11 -15.08 -28.81 10.45
N TRP A 12 -14.05 -27.97 10.36
CA TRP A 12 -14.22 -26.52 10.30
C TRP A 12 -14.87 -26.07 9.00
N LYS A 13 -16.05 -25.45 9.12
CA LYS A 13 -16.80 -25.01 7.93
C LYS A 13 -17.19 -23.53 7.96
N VAL A 14 -17.41 -22.98 6.79
CA VAL A 14 -17.93 -21.62 6.66
C VAL A 14 -19.40 -21.62 7.04
N GLU A 15 -19.72 -20.98 8.15
CA GLU A 15 -21.10 -20.92 8.64
C GLU A 15 -21.86 -19.68 8.14
N LYS A 16 -21.18 -18.54 8.09
CA LYS A 16 -21.84 -17.28 7.78
C LYS A 16 -20.88 -16.30 7.13
N ILE A 17 -21.38 -15.55 6.15
CA ILE A 17 -20.62 -14.48 5.51
C ILE A 17 -21.45 -13.21 5.55
N GLU A 18 -20.92 -12.14 6.12
CA GLU A 18 -21.61 -10.86 6.21
C GLU A 18 -20.75 -9.73 5.61
N PHE A 19 -21.41 -8.70 5.10
CA PHE A 19 -20.72 -7.67 4.34
C PHE A 19 -21.25 -6.27 4.68
N ALA A 20 -20.33 -5.32 4.87
CA ALA A 20 -20.71 -3.93 5.07
C ALA A 20 -19.58 -3.01 4.62
N LYS A 21 -19.95 -1.84 4.13
CA LYS A 21 -18.97 -0.81 3.80
C LYS A 21 -18.78 0.07 5.03
N LEU A 22 -17.54 0.24 5.45
CA LEU A 22 -17.21 1.17 6.52
C LEU A 22 -16.73 2.49 5.91
N THR A 23 -16.91 3.59 6.64
CA THR A 23 -16.54 4.92 6.11
C THR A 23 -15.80 5.76 7.14
N GLY A 24 -15.09 6.77 6.64
CA GLY A 24 -14.34 7.67 7.49
C GLY A 24 -13.67 8.71 6.64
N GLU A 25 -12.56 9.26 7.13
CA GLU A 25 -11.88 10.36 6.46
C GLU A 25 -10.38 10.29 6.64
N ARG A 26 -9.64 10.85 5.69
CA ARG A 26 -8.20 10.97 5.89
C ARG A 26 -7.97 12.27 6.65
N ALA A 27 -6.80 12.41 7.27
CA ALA A 27 -6.54 13.54 8.13
C ALA A 27 -6.59 14.86 7.40
N ARG A 28 -6.20 14.86 6.12
CA ARG A 28 -6.13 16.10 5.36
C ARG A 28 -6.61 15.82 3.95
N SER A 29 -7.43 16.70 3.41
CA SER A 29 -7.95 16.47 2.07
C SER A 29 -6.82 16.39 1.05
N ALA A 30 -6.90 15.42 0.14
CA ALA A 30 -5.84 15.21 -0.85
C ALA A 30 -6.23 15.84 -2.17
N GLY A 31 -5.35 16.67 -2.71
CA GLY A 31 -5.64 17.38 -3.94
C GLY A 31 -5.39 16.55 -5.18
N ALA A 32 -5.05 17.24 -6.27
CA ALA A 32 -4.85 16.59 -7.57
C ALA A 32 -3.52 15.85 -7.63
N ASN A 33 -3.36 14.99 -8.63
CA ASN A 33 -2.05 14.47 -9.00
C ASN A 33 -1.77 14.72 -10.49
N GLY A 34 -0.71 14.11 -11.01
CA GLY A 34 -0.25 14.40 -12.36
C GLY A 34 -1.31 14.21 -13.44
N ARG A 35 -2.19 13.23 -13.24
CA ARG A 35 -3.16 12.88 -14.29
C ARG A 35 -4.64 13.24 -14.03
N ILE A 36 -5.06 13.24 -12.76
CA ILE A 36 -6.46 13.52 -12.43
C ILE A 36 -6.67 14.57 -11.30
N GLY A 37 -7.92 14.86 -10.99
CA GLY A 37 -8.28 15.94 -10.09
C GLY A 37 -8.24 15.59 -8.61
N VAL A 38 -8.84 16.45 -7.79
CA VAL A 38 -8.85 16.33 -6.33
C VAL A 38 -9.33 14.97 -5.86
N HIS A 39 -8.59 14.35 -4.94
CA HIS A 39 -8.95 13.05 -4.41
C HIS A 39 -9.90 13.16 -3.22
N GLY A 40 -9.78 14.23 -2.43
CA GLY A 40 -10.78 14.49 -1.41
C GLY A 40 -10.37 13.97 -0.03
N LYS A 41 -11.35 13.92 0.88
CA LYS A 41 -11.08 13.61 2.28
C LYS A 41 -11.77 12.32 2.73
N SER A 42 -12.87 12.00 2.05
CA SER A 42 -13.67 10.83 2.35
C SER A 42 -12.95 9.54 2.00
N CYS A 43 -13.14 8.51 2.83
CA CYS A 43 -12.52 7.21 2.65
C CYS A 43 -13.53 6.12 2.97
N THR A 44 -13.44 4.98 2.28
CA THR A 44 -14.25 3.83 2.66
C THR A 44 -13.43 2.55 2.65
N VAL A 45 -13.93 1.53 3.34
CA VAL A 45 -13.34 0.20 3.30
C VAL A 45 -14.49 -0.81 3.27
N ASP A 46 -14.59 -1.57 2.20
CA ASP A 46 -15.54 -2.69 2.12
C ASP A 46 -15.03 -3.86 2.97
N ILE A 47 -15.86 -4.34 3.88
CA ILE A 47 -15.43 -5.32 4.86
C ILE A 47 -16.36 -6.52 4.83
N ALA A 48 -15.79 -7.71 4.99
CA ALA A 48 -16.58 -8.90 5.21
C ALA A 48 -16.26 -9.47 6.59
N ARG A 49 -17.26 -10.06 7.22
CA ARG A 49 -17.10 -10.74 8.50
C ARG A 49 -17.46 -12.19 8.25
N ILE A 50 -16.52 -13.10 8.42
CA ILE A 50 -16.79 -14.51 8.11
C ILE A 50 -16.89 -15.30 9.40
N THR A 51 -17.82 -16.24 9.45
CA THR A 51 -17.94 -17.08 10.64
C THR A 51 -17.61 -18.51 10.28
N ILE A 52 -16.57 -19.03 10.92
CA ILE A 52 -16.13 -20.39 10.71
C ILE A 52 -16.03 -21.04 12.08
N ASP A 53 -16.73 -22.17 12.25
CA ASP A 53 -16.68 -22.91 13.50
C ASP A 53 -16.96 -22.03 14.72
N GLY A 54 -18.00 -21.21 14.62
CA GLY A 54 -18.45 -20.39 15.72
C GLY A 54 -17.55 -19.22 16.10
N GLN A 55 -16.56 -18.91 15.25
CA GLN A 55 -15.69 -17.78 15.49
C GLN A 55 -15.64 -16.89 14.27
N THR A 56 -15.45 -15.59 14.47
CA THR A 56 -15.50 -14.64 13.34
C THR A 56 -14.11 -14.08 12.99
N GLY A 57 -13.94 -13.77 11.71
CA GLY A 57 -12.78 -13.01 11.25
C GLY A 57 -13.26 -11.84 10.42
N TYR A 58 -12.52 -10.73 10.43
CA TYR A 58 -12.87 -9.57 9.62
C TYR A 58 -11.74 -9.25 8.65
N GLY A 59 -12.09 -8.67 7.51
CA GLY A 59 -11.06 -8.10 6.65
C GLY A 59 -11.65 -7.47 5.41
N SER A 60 -10.78 -6.83 4.64
CA SER A 60 -11.14 -6.31 3.33
C SER A 60 -11.79 -7.40 2.46
N SER A 61 -12.82 -7.02 1.72
CA SER A 61 -13.50 -7.92 0.80
C SER A 61 -14.00 -7.15 -0.42
N ILE A 62 -13.62 -7.62 -1.61
CA ILE A 62 -14.10 -6.98 -2.84
C ILE A 62 -14.61 -8.02 -3.84
N HIS A 63 -15.48 -7.59 -4.75
CA HIS A 63 -15.99 -8.47 -5.81
C HIS A 63 -16.86 -9.60 -5.26
N MET A 64 -17.50 -9.37 -4.13
CA MET A 64 -18.36 -10.39 -3.52
C MET A 64 -19.82 -9.97 -3.56
N THR A 65 -20.68 -10.86 -4.05
CA THR A 65 -22.12 -10.64 -4.05
C THR A 65 -22.77 -11.63 -3.10
N PRO A 66 -24.01 -11.34 -2.68
CA PRO A 66 -24.71 -12.27 -1.79
C PRO A 66 -24.80 -13.65 -2.43
N GLU A 67 -25.06 -13.69 -3.73
CA GLU A 67 -25.20 -14.95 -4.49
C GLU A 67 -23.90 -15.76 -4.41
N TRP A 68 -22.78 -15.09 -4.67
CA TRP A 68 -21.45 -15.69 -4.57
C TRP A 68 -21.22 -16.29 -3.20
N ALA A 69 -21.54 -15.53 -2.15
CA ALA A 69 -21.28 -15.98 -0.78
C ALA A 69 -22.19 -17.15 -0.39
N GLU A 70 -23.41 -17.15 -0.94
CA GLU A 70 -24.37 -18.21 -0.69
C GLU A 70 -23.74 -19.57 -1.01
N ASP A 71 -23.03 -19.62 -2.13
CA ASP A 71 -22.43 -20.86 -2.61
C ASP A 71 -21.26 -21.33 -1.75
N VAL A 72 -20.64 -20.43 -0.99
CA VAL A 72 -19.50 -20.81 -0.16
C VAL A 72 -19.93 -21.33 1.20
N ILE A 73 -21.10 -20.94 1.65
CA ILE A 73 -21.60 -21.41 2.94
C ILE A 73 -21.67 -22.93 2.92
N GLY A 74 -21.20 -23.56 3.99
CA GLY A 74 -21.23 -25.01 4.08
C GLY A 74 -19.89 -25.65 3.79
N ARG A 75 -19.08 -25.00 2.96
CA ARG A 75 -17.76 -25.53 2.60
C ARG A 75 -16.81 -25.67 3.78
N ARG A 76 -15.95 -26.69 3.72
CA ARG A 76 -14.88 -26.84 4.68
C ARG A 76 -13.83 -25.80 4.34
N LEU A 77 -13.29 -25.17 5.38
CA LEU A 77 -12.24 -24.19 5.20
C LEU A 77 -11.12 -24.81 4.34
N LEU A 78 -10.66 -25.99 4.74
CA LEU A 78 -9.58 -26.68 4.03
C LEU A 78 -9.77 -26.78 2.53
N ASP A 79 -11.02 -26.86 2.08
CA ASP A 79 -11.25 -27.00 0.64
C ASP A 79 -11.11 -25.66 -0.12
N LEU A 80 -10.95 -24.57 0.62
CA LEU A 80 -10.68 -23.28 -0.01
C LEU A 80 -9.20 -23.16 -0.35
N PHE A 81 -8.37 -23.92 0.36
CA PHE A 81 -6.94 -23.98 0.04
C PHE A 81 -6.63 -25.05 -0.97
N ASP A 82 -5.52 -24.87 -1.67
CA ASP A 82 -4.93 -25.98 -2.40
C ASP A 82 -3.82 -26.62 -1.54
N ASP A 83 -3.62 -27.92 -1.73
CA ASP A 83 -2.52 -28.67 -1.11
C ASP A 83 -1.29 -27.83 -0.75
N ARG A 84 -0.87 -26.99 -1.69
CA ARG A 84 0.31 -26.16 -1.53
C ARG A 84 0.23 -25.24 -0.31
N GLY A 85 -0.95 -25.12 0.28
CA GLY A 85 -1.17 -24.25 1.42
C GLY A 85 -1.57 -22.85 1.02
N ARG A 86 -1.94 -22.67 -0.25
CA ARG A 86 -2.28 -21.36 -0.78
C ARG A 86 -3.78 -21.24 -1.05
N LEU A 87 -4.38 -20.16 -0.57
CA LEU A 87 -5.81 -19.95 -0.82
C LEU A 87 -6.07 -19.95 -2.32
N ARG A 88 -7.12 -20.65 -2.74
CA ARG A 88 -7.41 -20.77 -4.16
C ARG A 88 -7.82 -19.44 -4.78
N GLU A 89 -7.39 -19.23 -6.03
CA GLU A 89 -7.66 -18.01 -6.77
C GLU A 89 -9.08 -17.51 -6.63
N ALA A 90 -10.04 -18.42 -6.74
CA ALA A 90 -11.43 -18.02 -6.81
C ALA A 90 -11.92 -17.34 -5.52
N TYR A 91 -11.15 -17.45 -4.44
CA TYR A 91 -11.60 -16.94 -3.14
C TYR A 91 -10.81 -15.77 -2.60
N ARG A 92 -9.68 -15.45 -3.23
CA ARG A 92 -8.76 -14.47 -2.70
C ARG A 92 -9.35 -13.07 -2.48
N LEU A 93 -9.83 -12.43 -3.54
CA LEU A 93 -10.27 -11.03 -3.44
C LEU A 93 -11.43 -10.89 -2.46
N GLN A 94 -12.28 -11.90 -2.39
CA GLN A 94 -13.46 -11.85 -1.58
C GLN A 94 -13.15 -12.22 -0.14
N LEU A 95 -12.24 -13.16 0.07
CA LEU A 95 -12.17 -13.81 1.37
C LEU A 95 -10.80 -13.96 2.01
N GLU A 96 -9.71 -13.72 1.28
CA GLU A 96 -8.39 -13.96 1.88
C GLU A 96 -8.20 -13.22 3.19
N TYR A 97 -8.62 -11.96 3.26
CA TYR A 97 -8.39 -11.18 4.48
C TYR A 97 -9.27 -11.63 5.65
N PRO A 98 -10.58 -11.80 5.42
CA PRO A 98 -11.35 -12.30 6.57
C PRO A 98 -10.88 -13.70 7.03
N VAL A 99 -10.40 -14.52 6.11
CA VAL A 99 -9.94 -15.86 6.44
C VAL A 99 -8.62 -15.83 7.20
N LEU A 100 -7.67 -15.03 6.73
CA LEU A 100 -6.39 -14.91 7.44
C LEU A 100 -6.61 -14.34 8.83
N ASP A 101 -7.49 -13.35 8.95
CA ASP A 101 -7.77 -12.80 10.28
C ASP A 101 -8.37 -13.89 11.16
N TRP A 102 -9.29 -14.66 10.60
CA TRP A 102 -9.96 -15.74 11.32
C TRP A 102 -8.93 -16.72 11.85
N LEU A 103 -8.03 -17.15 10.96
CA LEU A 103 -7.00 -18.11 11.31
C LEU A 103 -6.11 -17.62 12.43
N GLY A 104 -5.74 -16.35 12.41
CA GLY A 104 -4.99 -15.76 13.49
C GLY A 104 -5.79 -15.71 14.79
N GLN A 105 -7.09 -15.43 14.69
CA GLN A 105 -7.94 -15.35 15.88
C GLN A 105 -8.03 -16.73 16.52
N ARG A 106 -8.31 -17.73 15.69
CA ARG A 106 -8.43 -19.11 16.15
C ARG A 106 -7.11 -19.66 16.70
N GLN A 107 -6.00 -19.39 16.02
CA GLN A 107 -4.69 -19.86 16.49
C GLN A 107 -4.04 -18.95 17.52
N GLY A 108 -4.60 -17.75 17.72
CA GLY A 108 -4.04 -16.82 18.68
C GLY A 108 -2.69 -16.24 18.26
N LYS A 109 -2.52 -16.00 16.96
CA LYS A 109 -1.25 -15.53 16.41
C LYS A 109 -1.50 -14.36 15.46
N PRO A 110 -0.54 -13.43 15.36
CA PRO A 110 -0.67 -12.40 14.31
C PRO A 110 -0.47 -13.06 12.96
N VAL A 111 -1.11 -12.53 11.93
CA VAL A 111 -0.93 -13.08 10.59
C VAL A 111 0.56 -13.15 10.23
N TYR A 112 1.34 -12.16 10.63
CA TYR A 112 2.75 -12.16 10.24
C TYR A 112 3.48 -13.40 10.73
N ASP A 113 3.07 -13.91 11.89
CA ASP A 113 3.63 -15.15 12.43
C ASP A 113 3.24 -16.36 11.60
N LEU A 114 2.03 -16.35 11.06
CA LEU A 114 1.52 -17.44 10.25
C LEU A 114 2.14 -17.52 8.86
N VAL A 115 2.67 -16.41 8.36
CA VAL A 115 3.21 -16.40 6.99
C VAL A 115 4.69 -16.05 7.01
N SER A 116 5.23 -15.99 8.22
CA SER A 116 6.61 -15.56 8.43
C SER A 116 7.60 -16.28 7.51
N GLY A 117 8.63 -15.55 7.10
CA GLY A 117 9.71 -16.12 6.31
C GLY A 117 10.99 -16.23 7.11
N ALA A 118 12.05 -16.71 6.48
CA ALA A 118 13.32 -16.95 7.17
C ALA A 118 13.90 -15.70 7.86
N HIS A 119 13.58 -14.53 7.34
CA HIS A 119 14.24 -13.29 7.78
C HIS A 119 13.66 -12.70 9.06
N LEU A 120 12.49 -13.17 9.47
CA LEU A 120 11.91 -12.79 10.76
C LEU A 120 11.77 -14.00 11.67
N GLU A 121 12.46 -13.95 12.82
CA GLU A 121 12.46 -15.05 13.78
C GLU A 121 11.36 -14.87 14.81
N THR A 122 10.67 -15.96 15.13
CA THR A 122 9.50 -15.90 16.00
C THR A 122 9.80 -15.18 17.32
N GLY A 123 8.84 -14.38 17.77
CA GLY A 123 8.96 -13.69 19.04
C GLY A 123 9.44 -12.24 18.96
N ALA A 124 10.12 -11.88 17.88
CA ALA A 124 10.60 -10.50 17.75
C ALA A 124 9.50 -9.60 17.21
N SER A 125 9.46 -8.36 17.70
CA SER A 125 8.49 -7.36 17.25
C SER A 125 8.65 -7.07 15.76
N LEU A 126 7.53 -6.91 15.06
CA LEU A 126 7.55 -6.50 13.66
C LEU A 126 7.51 -4.98 13.57
N VAL A 127 8.58 -4.40 13.07
CA VAL A 127 8.67 -2.95 12.87
C VAL A 127 9.02 -2.76 11.39
N VAL A 128 8.18 -2.03 10.66
CA VAL A 128 8.37 -1.91 9.20
C VAL A 128 8.53 -0.44 8.78
N PRO A 129 9.46 -0.17 7.84
CA PRO A 129 9.60 1.21 7.34
C PRO A 129 8.32 1.69 6.67
N CYS A 130 8.00 2.97 6.85
CA CYS A 130 6.86 3.56 6.17
C CYS A 130 7.19 4.94 5.62
N TYR A 131 6.38 5.41 4.69
CA TYR A 131 6.51 6.78 4.22
C TYR A 131 5.16 7.45 4.15
N ASP A 132 5.18 8.78 4.18
CA ASP A 132 3.99 9.60 4.14
C ASP A 132 3.62 9.81 2.67
N THR A 133 2.48 9.27 2.24
CA THR A 133 2.13 9.29 0.82
C THR A 133 1.20 10.45 0.45
N SER A 134 0.91 11.32 1.41
CA SER A 134 -0.22 12.26 1.32
C SER A 134 0.08 13.62 0.69
N LEU A 135 1.25 13.79 0.08
CA LEU A 135 1.66 15.09 -0.43
C LEU A 135 1.27 15.30 -1.90
N TYR A 136 0.00 15.60 -2.11
CA TYR A 136 -0.56 15.80 -3.43
C TYR A 136 -0.34 17.24 -3.94
N PHE A 137 -0.99 17.60 -5.05
CA PHE A 137 -0.89 18.97 -5.60
C PHE A 137 -1.78 19.91 -4.80
N ASP A 138 -1.48 20.07 -3.51
CA ASP A 138 -2.32 20.87 -2.63
C ASP A 138 -2.06 22.38 -2.77
N ASP A 139 -1.07 22.72 -3.59
CA ASP A 139 -0.62 24.11 -3.82
C ASP A 139 -1.20 24.80 -5.06
N LEU A 140 -2.05 24.12 -5.84
CA LEU A 140 -2.41 24.64 -7.16
C LEU A 140 -3.14 25.97 -7.15
N HIS A 141 -3.85 26.26 -6.07
CA HIS A 141 -4.62 27.49 -5.95
C HIS A 141 -3.73 28.71 -5.64
N LEU A 142 -2.44 28.48 -5.46
CA LEU A 142 -1.52 29.55 -5.12
C LEU A 142 -0.64 29.87 -6.31
N ALA A 143 -0.65 31.12 -6.76
CA ALA A 143 0.14 31.51 -7.92
C ALA A 143 1.62 31.75 -7.57
N ASP A 144 1.88 32.11 -6.33
CA ASP A 144 3.21 32.51 -5.88
C ASP A 144 4.00 31.28 -5.44
N GLU A 145 5.15 31.04 -6.06
CA GLU A 145 5.95 29.84 -5.77
C GLU A 145 6.35 29.76 -4.30
N ARG A 146 6.72 30.89 -3.71
CA ARG A 146 7.13 30.91 -2.32
C ARG A 146 6.00 30.43 -1.40
N ALA A 147 4.77 30.85 -1.72
CA ALA A 147 3.62 30.44 -0.91
C ALA A 147 3.32 28.96 -1.10
N ALA A 148 3.43 28.49 -2.34
CA ALA A 148 3.19 27.09 -2.65
C ALA A 148 4.17 26.17 -1.90
N VAL A 149 5.45 26.54 -1.92
CA VAL A 149 6.47 25.78 -1.20
C VAL A 149 6.20 25.75 0.31
N ALA A 150 5.81 26.90 0.86
CA ALA A 150 5.52 27.01 2.29
C ALA A 150 4.34 26.11 2.69
N LEU A 151 3.30 26.10 1.86
CA LEU A 151 2.14 25.24 2.14
C LEU A 151 2.51 23.76 2.12
N MET A 152 3.30 23.35 1.12
CA MET A 152 3.66 21.93 1.03
C MET A 152 4.60 21.54 2.17
N GLN A 153 5.49 22.45 2.56
CA GLN A 153 6.38 22.20 3.68
C GLN A 153 5.58 21.98 4.95
N GLU A 154 4.51 22.78 5.14
CA GLU A 154 3.67 22.64 6.32
C GLU A 154 2.94 21.29 6.32
N GLU A 155 2.55 20.80 5.15
CA GLU A 155 1.92 19.48 5.06
C GLU A 155 2.90 18.36 5.45
N ALA A 156 4.14 18.44 4.96
CA ALA A 156 5.17 17.47 5.33
C ALA A 156 5.42 17.52 6.84
N MET A 157 5.41 18.74 7.38
CA MET A 157 5.67 18.92 8.80
C MET A 157 4.56 18.28 9.63
N GLN A 158 3.32 18.34 9.15
CA GLN A 158 2.25 17.63 9.87
C GLN A 158 2.56 16.15 9.96
N GLY A 159 3.19 15.61 8.92
CA GLY A 159 3.55 14.20 8.89
C GLY A 159 4.73 13.94 9.82
N TYR A 160 5.74 14.79 9.73
CA TYR A 160 6.91 14.69 10.59
C TYR A 160 6.50 14.71 12.07
N ALA A 161 5.57 15.60 12.42
CA ALA A 161 5.06 15.71 13.78
C ALA A 161 4.39 14.41 14.24
N LYS A 162 3.95 13.61 13.29
CA LYS A 162 3.28 12.35 13.63
C LYS A 162 4.26 11.18 13.61
N GLY A 163 5.53 11.45 13.36
CA GLY A 163 6.50 10.38 13.36
C GLY A 163 7.00 9.94 11.98
N GLN A 164 6.49 10.55 10.90
CA GLN A 164 6.96 10.19 9.56
C GLN A 164 8.34 10.81 9.33
N ARG A 165 9.22 10.06 8.67
CA ARG A 165 10.56 10.56 8.33
C ARG A 165 10.83 10.49 6.82
N HIS A 166 10.00 9.76 6.09
CA HIS A 166 10.19 9.55 4.65
C HIS A 166 8.91 9.99 3.94
N PHE A 167 9.06 10.62 2.77
CA PHE A 167 7.93 11.31 2.16
C PHE A 167 7.87 11.02 0.67
N LYS A 168 6.68 10.68 0.17
CA LYS A 168 6.49 10.57 -1.27
C LYS A 168 5.70 11.76 -1.76
N ILE A 169 6.30 12.48 -2.69
CA ILE A 169 5.78 13.75 -3.17
C ILE A 169 5.27 13.59 -4.61
N LYS A 170 4.04 14.05 -4.86
CA LYS A 170 3.50 14.00 -6.21
C LYS A 170 4.17 15.10 -7.01
N VAL A 171 4.61 14.75 -8.23
CA VAL A 171 5.15 15.73 -9.16
C VAL A 171 4.45 15.54 -10.51
N GLY A 172 4.79 16.37 -11.49
CA GLY A 172 4.15 16.29 -12.79
C GLY A 172 3.10 17.38 -12.98
N ARG A 173 3.22 18.44 -12.17
CA ARG A 173 2.28 19.56 -12.24
C ARG A 173 2.11 20.09 -13.65
N GLY A 174 3.18 20.09 -14.43
CA GLY A 174 3.16 20.64 -15.79
C GLY A 174 2.55 19.73 -16.86
N GLY A 175 2.26 18.50 -16.50
CA GLY A 175 1.66 17.55 -17.43
C GLY A 175 0.27 17.96 -17.86
N ARG A 176 -0.54 18.44 -16.91
CA ARG A 176 -1.94 18.75 -17.18
C ARG A 176 -2.47 20.00 -16.46
N HIS A 177 -2.14 20.12 -15.17
CA HIS A 177 -2.77 21.13 -14.31
C HIS A 177 -2.15 22.53 -14.39
N MET A 178 -0.86 22.61 -14.68
CA MET A 178 -0.20 23.89 -14.84
C MET A 178 0.52 23.92 -16.19
N PRO A 179 0.87 25.11 -16.68
CA PRO A 179 1.67 25.18 -17.90
C PRO A 179 2.92 24.34 -17.73
N LEU A 180 3.38 23.67 -18.78
CA LEU A 180 4.44 22.68 -18.69
C LEU A 180 5.69 23.11 -17.95
N TRP A 181 6.31 24.21 -18.39
N TRP A 181 6.28 24.20 -18.42
CA TRP A 181 7.57 24.61 -17.80
CA TRP A 181 7.55 24.67 -17.86
C TRP A 181 7.39 25.21 -16.42
C TRP A 181 7.36 25.17 -16.43
N GLU A 182 6.30 25.94 -16.21
CA GLU A 182 6.01 26.50 -14.89
C GLU A 182 5.77 25.40 -13.87
N GLY A 183 4.96 24.40 -14.25
CA GLY A 183 4.63 23.31 -13.35
C GLY A 183 5.85 22.50 -12.99
N THR A 184 6.75 22.33 -13.94
CA THR A 184 7.99 21.59 -13.71
C THR A 184 8.92 22.35 -12.76
N LYS A 185 9.00 23.67 -12.92
CA LYS A 185 9.75 24.48 -11.95
C LYS A 185 9.11 24.43 -10.57
N ARG A 186 7.78 24.47 -10.50
CA ARG A 186 7.08 24.31 -9.24
C ARG A 186 7.35 22.91 -8.62
N ASP A 187 7.31 21.84 -9.42
CA ASP A 187 7.63 20.49 -8.89
C ASP A 187 8.96 20.52 -8.16
N ILE A 188 9.96 21.08 -8.85
CA ILE A 188 11.31 21.10 -8.31
C ILE A 188 11.41 21.91 -7.02
N ALA A 189 10.77 23.08 -7.00
CA ALA A 189 10.78 23.95 -5.81
C ALA A 189 10.13 23.25 -4.61
N ILE A 190 9.02 22.57 -4.87
CA ILE A 190 8.29 21.85 -3.82
C ILE A 190 9.11 20.67 -3.25
N VAL A 191 9.73 19.89 -4.12
CA VAL A 191 10.56 18.78 -3.68
C VAL A 191 11.74 19.29 -2.83
N ARG A 192 12.44 20.32 -3.30
CA ARG A 192 13.53 20.89 -2.51
C ARG A 192 13.01 21.37 -1.15
N GLY A 193 11.84 22.03 -1.17
CA GLY A 193 11.23 22.54 0.05
C GLY A 193 10.99 21.44 1.07
N ILE A 194 10.38 20.35 0.62
CA ILE A 194 10.04 19.26 1.51
C ILE A 194 11.29 18.54 2.00
N SER A 195 12.31 18.52 1.16
CA SER A 195 13.62 17.99 1.49
C SER A 195 14.14 18.63 2.79
N GLU A 196 13.87 19.93 2.94
CA GLU A 196 14.38 20.69 4.07
C GLU A 196 13.63 20.38 5.35
N VAL A 197 12.36 20.01 5.21
CA VAL A 197 11.60 19.52 6.35
C VAL A 197 12.07 18.13 6.82
N ALA A 198 12.28 17.22 5.87
CA ALA A 198 12.64 15.86 6.23
C ALA A 198 14.06 15.78 6.77
N GLY A 199 14.94 16.64 6.25
CA GLY A 199 16.34 16.63 6.64
C GLY A 199 17.13 15.56 5.90
N PRO A 200 18.46 15.58 6.08
CA PRO A 200 19.41 14.76 5.30
C PRO A 200 19.17 13.25 5.40
N ALA A 201 18.59 12.80 6.50
CA ALA A 201 18.33 11.38 6.67
C ALA A 201 16.95 10.95 6.17
N GLY A 202 16.14 11.89 5.72
CA GLY A 202 14.81 11.54 5.23
C GLY A 202 14.88 11.07 3.79
N LYS A 203 14.28 9.91 3.51
CA LYS A 203 14.20 9.43 2.14
C LYS A 203 13.05 10.13 1.41
N ILE A 204 13.34 10.68 0.24
CA ILE A 204 12.34 11.36 -0.57
C ILE A 204 12.06 10.52 -1.82
N MET A 205 10.78 10.23 -2.05
N MET A 205 10.78 10.24 -2.07
CA MET A 205 10.32 9.58 -3.26
CA MET A 205 10.35 9.57 -3.29
C MET A 205 9.56 10.60 -4.12
C MET A 205 9.43 10.47 -4.12
N ILE A 206 9.62 10.48 -5.43
CA ILE A 206 8.78 11.33 -6.27
C ILE A 206 7.95 10.46 -7.18
N ASP A 207 6.69 10.84 -7.35
CA ASP A 207 5.76 10.06 -8.14
C ASP A 207 5.09 11.00 -9.15
N ALA A 208 5.33 10.77 -10.44
CA ALA A 208 4.85 11.70 -11.48
C ALA A 208 3.52 11.28 -12.09
N ASN A 209 3.00 10.15 -11.65
CA ASN A 209 1.82 9.56 -12.27
C ASN A 209 1.87 9.65 -13.80
N ASN A 210 3.02 9.31 -14.36
CA ASN A 210 3.21 9.21 -15.82
C ASN A 210 3.16 10.53 -16.58
N ALA A 211 3.18 11.64 -15.86
CA ALA A 211 3.09 12.98 -16.47
C ALA A 211 4.36 13.44 -17.20
N TYR A 212 5.47 12.74 -17.03
CA TYR A 212 6.71 13.16 -17.66
C TYR A 212 6.99 12.34 -18.94
N ASN A 213 8.01 12.75 -19.68
CA ASN A 213 8.63 11.89 -20.68
C ASN A 213 10.10 11.75 -20.26
N LEU A 214 10.92 11.05 -21.06
CA LEU A 214 12.28 10.74 -20.63
C LEU A 214 13.15 11.97 -20.38
N ASN A 215 13.03 12.97 -21.25
CA ASN A 215 13.83 14.18 -21.12
C ASN A 215 13.37 15.10 -19.99
N LEU A 216 12.06 15.19 -19.76
CA LEU A 216 11.58 15.95 -18.62
C LEU A 216 12.07 15.28 -17.33
N THR A 217 12.03 13.96 -17.31
CA THR A 217 12.52 13.21 -16.15
C THR A 217 13.98 13.52 -15.86
N LYS A 218 14.82 13.52 -16.90
CA LYS A 218 16.25 13.80 -16.75
C LYS A 218 16.49 15.23 -16.29
N GLU A 219 15.70 16.17 -16.82
CA GLU A 219 15.82 17.54 -16.33
C GLU A 219 15.51 17.64 -14.82
N VAL A 220 14.45 16.98 -14.38
CA VAL A 220 14.04 17.01 -12.97
C VAL A 220 15.05 16.31 -12.05
N LEU A 221 15.55 15.14 -12.45
CA LEU A 221 16.53 14.41 -11.66
C LEU A 221 17.81 15.21 -11.47
N ALA A 222 18.27 15.83 -12.55
CA ALA A 222 19.47 16.66 -12.50
C ALA A 222 19.27 17.86 -11.57
N ALA A 223 18.10 18.51 -11.66
CA ALA A 223 17.80 19.63 -10.79
C ALA A 223 17.77 19.23 -9.31
N LEU A 224 17.38 17.98 -9.05
CA LEU A 224 17.24 17.51 -7.68
C LEU A 224 18.45 16.69 -7.24
N SER A 225 19.59 16.88 -7.89
CA SER A 225 20.76 16.05 -7.58
C SER A 225 21.22 16.22 -6.13
N ASP A 226 20.83 17.30 -5.48
CA ASP A 226 21.21 17.53 -4.08
C ASP A 226 20.18 17.05 -3.08
N VAL A 227 19.04 16.59 -3.56
CA VAL A 227 18.04 16.00 -2.67
C VAL A 227 18.32 14.52 -2.47
N ASN A 228 17.97 14.01 -1.29
CA ASN A 228 18.17 12.60 -0.99
C ASN A 228 17.04 11.78 -1.63
N LEU A 229 17.02 11.77 -2.96
CA LEU A 229 16.00 11.03 -3.73
C LEU A 229 16.21 9.53 -3.63
N TYR A 230 15.26 8.85 -3.00
CA TYR A 230 15.36 7.42 -2.83
C TYR A 230 14.86 6.67 -4.06
N TRP A 231 13.68 7.04 -4.56
CA TRP A 231 13.18 6.45 -5.80
C TRP A 231 12.30 7.39 -6.61
N LEU A 232 12.18 7.02 -7.89
CA LEU A 232 11.38 7.73 -8.86
C LEU A 232 10.32 6.75 -9.33
N GLU A 233 9.07 7.14 -9.19
CA GLU A 233 7.96 6.26 -9.43
C GLU A 233 7.12 6.82 -10.57
N ALA A 234 6.75 5.96 -11.52
CA ALA A 234 5.82 6.36 -12.58
C ALA A 234 6.23 7.65 -13.27
N ALA A 235 7.50 7.75 -13.65
CA ALA A 235 7.95 8.91 -14.41
C ALA A 235 7.12 9.02 -15.69
N PHE A 236 6.92 7.88 -16.34
CA PHE A 236 6.18 7.75 -17.60
C PHE A 236 5.75 6.31 -17.68
N HIS A 237 4.74 6.01 -18.48
CA HIS A 237 4.26 4.64 -18.55
C HIS A 237 5.42 3.72 -18.87
N GLU A 238 5.50 2.60 -18.17
CA GLU A 238 6.70 1.77 -18.22
C GLU A 238 7.00 1.32 -19.63
N ASP A 239 8.29 1.31 -19.96
CA ASP A 239 8.73 1.04 -21.32
C ASP A 239 10.16 0.61 -21.16
N GLU A 240 10.50 -0.60 -21.58
CA GLU A 240 11.84 -1.12 -21.33
C GLU A 240 12.95 -0.28 -21.94
N ALA A 241 12.76 0.17 -23.18
CA ALA A 241 13.79 0.98 -23.85
C ALA A 241 14.06 2.27 -23.10
N LEU A 242 12.99 2.94 -22.68
CA LEU A 242 13.17 4.22 -21.97
C LEU A 242 13.84 4.05 -20.61
N TYR A 243 13.42 3.05 -19.85
CA TYR A 243 14.04 2.79 -18.55
C TYR A 243 15.50 2.34 -18.68
N GLU A 244 15.81 1.54 -19.70
CA GLU A 244 17.20 1.17 -19.96
C GLU A 244 18.08 2.41 -20.18
N ASP A 245 17.56 3.35 -20.95
CA ASP A 245 18.23 4.61 -21.22
C ASP A 245 18.38 5.39 -19.92
N LEU A 246 17.29 5.53 -19.17
CA LEU A 246 17.32 6.26 -17.90
C LEU A 246 18.34 5.67 -16.92
N LYS A 247 18.36 4.34 -16.79
CA LYS A 247 19.30 3.69 -15.87
C LYS A 247 20.75 3.95 -16.27
N GLU A 248 21.01 4.03 -17.57
CA GLU A 248 22.37 4.25 -18.04
C GLU A 248 22.80 5.68 -17.77
N TRP A 249 21.86 6.61 -17.94
CA TRP A 249 22.11 8.03 -17.65
C TRP A 249 22.36 8.25 -16.15
N LEU A 250 21.58 7.59 -15.31
CA LEU A 250 21.76 7.69 -13.86
C LEU A 250 23.12 7.10 -13.49
N GLY A 251 23.43 5.93 -14.06
CA GLY A 251 24.70 5.28 -13.83
C GLY A 251 25.88 6.18 -14.17
N GLN A 252 25.85 6.82 -15.32
CA GLN A 252 26.95 7.70 -15.73
C GLN A 252 27.13 8.87 -14.77
N ARG A 253 26.07 9.26 -14.10
CA ARG A 253 26.12 10.42 -13.19
C ARG A 253 26.50 10.01 -11.78
N GLY A 254 26.46 8.71 -11.50
CA GLY A 254 26.63 8.24 -10.15
C GLY A 254 25.46 8.66 -9.27
N GLN A 255 24.30 8.86 -9.90
CA GLN A 255 23.11 9.27 -9.18
C GLN A 255 22.34 8.02 -8.81
N ASN A 256 22.19 7.78 -7.50
CA ASN A 256 21.60 6.55 -7.00
C ASN A 256 20.12 6.71 -6.66
N VAL A 257 19.28 6.55 -7.67
CA VAL A 257 17.84 6.66 -7.51
C VAL A 257 17.25 5.38 -8.06
N LEU A 258 16.43 4.70 -7.26
CA LEU A 258 15.77 3.48 -7.72
C LEU A 258 14.61 3.85 -8.65
N ILE A 259 14.24 2.92 -9.53
CA ILE A 259 13.06 3.10 -10.37
C ILE A 259 11.93 2.23 -9.84
N ALA A 260 10.78 2.86 -9.55
CA ALA A 260 9.64 2.09 -9.02
C ALA A 260 8.51 2.15 -10.00
N ASP A 261 7.80 1.03 -10.16
CA ASP A 261 6.66 1.03 -11.06
C ASP A 261 5.77 -0.18 -10.79
N GLY A 262 4.59 -0.23 -11.38
CA GLY A 262 3.72 -1.39 -11.21
C GLY A 262 2.27 -1.13 -10.86
N GLU A 263 1.91 0.11 -10.54
CA GLU A 263 0.54 0.43 -10.16
C GLU A 263 -0.39 0.46 -11.37
N GLY A 264 -1.68 0.30 -11.11
CA GLY A 264 -2.70 0.47 -12.13
C GLY A 264 -2.63 -0.61 -13.18
N LEU A 265 -3.02 -0.27 -14.40
CA LEU A 265 -2.95 -1.22 -15.48
C LEU A 265 -1.48 -1.35 -15.91
N ALA A 266 -0.77 -2.32 -15.36
CA ALA A 266 0.67 -2.42 -15.61
C ALA A 266 0.96 -3.20 -16.88
N SER A 267 2.13 -2.95 -17.46
CA SER A 267 2.60 -3.77 -18.58
C SER A 267 2.71 -5.22 -18.14
N PRO A 268 2.16 -6.12 -18.96
CA PRO A 268 2.28 -7.56 -18.63
C PRO A 268 3.73 -8.04 -18.57
N HIS A 269 4.68 -7.27 -19.08
CA HIS A 269 6.08 -7.73 -19.09
C HIS A 269 6.95 -6.99 -18.09
N LEU A 270 6.33 -6.28 -17.15
CA LEU A 270 7.07 -5.42 -16.24
C LEU A 270 8.07 -6.19 -15.40
N ILE A 271 7.65 -7.34 -14.89
CA ILE A 271 8.56 -8.10 -14.04
C ILE A 271 9.75 -8.60 -14.83
N GLU A 272 9.50 -8.99 -16.07
CA GLU A 272 10.58 -9.37 -16.98
C GLU A 272 11.57 -8.20 -17.15
N TRP A 273 11.07 -7.02 -17.48
CA TRP A 273 11.94 -5.86 -17.62
C TRP A 273 12.70 -5.63 -16.31
N ALA A 274 12.04 -5.87 -15.19
CA ALA A 274 12.71 -5.70 -13.90
C ALA A 274 13.86 -6.69 -13.73
N THR A 275 13.64 -7.94 -14.15
CA THR A 275 14.71 -8.95 -14.02
C THR A 275 15.90 -8.63 -14.92
N ARG A 276 15.69 -7.82 -15.94
CA ARG A 276 16.80 -7.38 -16.78
C ARG A 276 17.45 -6.10 -16.26
N GLY A 277 16.93 -5.59 -15.14
CA GLY A 277 17.56 -4.47 -14.46
C GLY A 277 17.00 -3.09 -14.75
N ARG A 278 15.90 -3.00 -15.49
CA ARG A 278 15.34 -1.70 -15.87
C ARG A 278 14.46 -1.05 -14.79
N VAL A 279 13.86 -1.88 -13.94
CA VAL A 279 13.01 -1.42 -12.84
C VAL A 279 13.44 -2.14 -11.56
N ASP A 280 13.48 -1.43 -10.43
CA ASP A 280 14.01 -1.99 -9.18
C ASP A 280 12.95 -2.34 -8.15
N VAL A 281 11.85 -1.58 -8.13
CA VAL A 281 10.81 -1.71 -7.11
C VAL A 281 9.45 -1.97 -7.76
N LEU A 282 8.80 -3.06 -7.39
CA LEU A 282 7.52 -3.45 -7.95
C LEU A 282 6.37 -3.03 -7.04
N GLN A 283 5.31 -2.47 -7.63
CA GLN A 283 4.30 -1.80 -6.84
C GLN A 283 2.86 -2.26 -7.02
N TYR A 284 2.66 -3.54 -7.29
CA TYR A 284 1.29 -4.07 -7.38
C TYR A 284 0.48 -3.78 -6.10
N ASP A 285 -0.82 -3.57 -6.29
CA ASP A 285 -1.72 -3.22 -5.20
C ASP A 285 -1.90 -4.32 -4.17
N ILE A 286 -2.00 -3.93 -2.90
CA ILE A 286 -2.11 -4.85 -1.76
C ILE A 286 -3.52 -5.49 -1.63
N ILE A 287 -4.51 -4.90 -2.27
CA ILE A 287 -5.86 -5.48 -2.24
C ILE A 287 -6.15 -6.36 -3.48
N TRP A 288 -5.72 -5.88 -4.64
CA TRP A 288 -6.03 -6.52 -5.92
C TRP A 288 -4.80 -6.27 -6.78
N PRO A 289 -3.94 -7.29 -6.96
CA PRO A 289 -4.10 -8.74 -6.77
C PRO A 289 -4.15 -9.28 -5.34
N GLY A 290 -3.64 -8.54 -4.35
CA GLY A 290 -3.88 -8.95 -2.97
C GLY A 290 -2.76 -9.71 -2.28
N PHE A 291 -3.06 -10.20 -1.08
CA PHE A 291 -2.08 -10.69 -0.11
C PHE A 291 -1.50 -12.05 -0.49
N THR A 292 -2.38 -12.99 -0.86
CA THR A 292 -1.94 -14.33 -1.23
C THR A 292 -1.06 -14.26 -2.47
N HIS A 293 -1.51 -13.47 -3.44
CA HIS A 293 -0.72 -13.21 -4.64
C HIS A 293 0.64 -12.63 -4.29
N TRP A 294 0.66 -11.66 -3.40
CA TRP A 294 1.91 -10.98 -3.01
C TRP A 294 2.90 -11.89 -2.28
N MET A 295 2.41 -12.85 -1.51
CA MET A 295 3.31 -13.77 -0.83
C MET A 295 4.08 -14.59 -1.85
N GLU A 296 3.38 -15.05 -2.88
CA GLU A 296 4.01 -15.79 -3.96
C GLU A 296 4.92 -14.88 -4.77
N LEU A 297 4.42 -13.72 -5.16
CA LEU A 297 5.19 -12.79 -5.98
C LEU A 297 6.43 -12.33 -5.22
N GLY A 298 6.28 -12.08 -3.93
CA GLY A 298 7.37 -11.55 -3.13
C GLY A 298 8.55 -12.51 -3.05
N GLU A 299 8.24 -13.80 -2.97
CA GLU A 299 9.28 -14.83 -2.94
C GLU A 299 10.05 -14.85 -4.25
N LYS A 300 9.32 -14.75 -5.35
CA LYS A 300 9.92 -14.70 -6.69
C LYS A 300 10.82 -13.48 -6.86
N LEU A 301 10.31 -12.31 -6.48
CA LEU A 301 11.11 -11.09 -6.54
C LEU A 301 12.36 -11.17 -5.64
N ASP A 302 12.20 -11.72 -4.44
CA ASP A 302 13.35 -11.89 -3.55
C ASP A 302 14.43 -12.71 -4.25
N ALA A 303 14.01 -13.78 -4.92
CA ALA A 303 14.95 -14.65 -5.62
C ALA A 303 15.69 -13.92 -6.73
N HIS A 304 15.01 -12.98 -7.38
CA HIS A 304 15.62 -12.18 -8.44
C HIS A 304 16.43 -10.99 -7.93
N GLY A 305 16.48 -10.83 -6.60
CA GLY A 305 17.13 -9.67 -6.02
C GLY A 305 16.37 -8.35 -6.19
N LEU A 306 15.06 -8.45 -6.44
CA LEU A 306 14.22 -7.29 -6.71
C LEU A 306 13.47 -6.85 -5.45
N ARG A 307 12.95 -5.62 -5.45
CA ARG A 307 12.29 -5.06 -4.28
C ARG A 307 10.77 -4.98 -4.39
N SER A 308 10.09 -5.08 -3.25
CA SER A 308 8.65 -5.03 -3.18
C SER A 308 8.16 -3.83 -2.38
N ALA A 309 7.24 -3.07 -2.96
CA ALA A 309 6.59 -1.99 -2.23
C ALA A 309 5.12 -1.93 -2.63
N PRO A 310 4.28 -2.76 -2.00
CA PRO A 310 2.87 -2.82 -2.41
C PRO A 310 2.18 -1.45 -2.37
N HIS A 311 1.35 -1.19 -3.36
CA HIS A 311 0.56 0.04 -3.41
C HIS A 311 -0.65 -0.10 -2.46
N CYS A 312 -0.96 0.94 -1.68
CA CYS A 312 -2.13 0.89 -0.75
C CYS A 312 -3.15 2.02 -0.85
N TYR A 313 -2.89 3.06 -1.63
CA TYR A 313 -3.78 4.23 -1.63
C TYR A 313 -5.25 3.92 -1.97
N GLY A 314 -6.17 4.49 -1.20
CA GLY A 314 -7.58 4.38 -1.50
C GLY A 314 -8.29 3.35 -0.63
N ASN A 315 -7.51 2.65 0.20
CA ASN A 315 -8.08 1.63 1.09
C ASN A 315 -7.24 1.54 2.36
N ALA A 316 -7.71 2.18 3.42
CA ALA A 316 -7.01 2.19 4.69
C ALA A 316 -6.61 0.78 5.15
N TYR A 317 -7.50 -0.19 4.95
CA TYR A 317 -7.20 -1.55 5.42
C TYR A 317 -5.86 -2.07 4.89
N GLY A 318 -5.54 -1.75 3.64
CA GLY A 318 -4.33 -2.21 3.01
C GLY A 318 -3.03 -1.76 3.66
N ILE A 319 -3.05 -0.63 4.37
CA ILE A 319 -1.86 -0.17 5.10
C ILE A 319 -1.39 -1.26 6.06
N TYR A 320 -2.33 -1.74 6.87
CA TYR A 320 -2.08 -2.72 7.91
C TYR A 320 -1.75 -4.12 7.38
N ALA A 321 -2.47 -4.54 6.36
CA ALA A 321 -2.13 -5.75 5.65
C ALA A 321 -0.68 -5.66 5.13
N SER A 322 -0.33 -4.53 4.52
N SER A 322 -0.33 -4.53 4.53
CA SER A 322 1.00 -4.36 3.97
CA SER A 322 1.00 -4.38 3.96
C SER A 322 2.07 -4.63 5.02
C SER A 322 2.07 -4.62 5.01
N GLY A 323 1.82 -4.15 6.24
CA GLY A 323 2.75 -4.34 7.33
C GLY A 323 3.06 -5.81 7.59
N HIS A 324 2.00 -6.62 7.67
CA HIS A 324 2.14 -8.04 7.96
C HIS A 324 2.84 -8.74 6.80
N LEU A 325 2.62 -8.26 5.59
CA LEU A 325 3.20 -8.89 4.42
C LEU A 325 4.71 -8.82 4.48
N SER A 326 5.26 -7.78 5.11
CA SER A 326 6.71 -7.65 5.17
C SER A 326 7.40 -8.84 5.85
N ALA A 327 6.69 -9.57 6.69
CA ALA A 327 7.30 -10.73 7.37
C ALA A 327 7.55 -11.88 6.40
N ALA A 328 6.88 -11.84 5.26
CA ALA A 328 6.96 -12.90 4.26
C ALA A 328 7.84 -12.53 3.09
N VAL A 329 8.18 -11.25 2.98
CA VAL A 329 8.94 -10.74 1.83
C VAL A 329 10.23 -10.08 2.29
N ARG A 330 11.37 -10.67 1.94
CA ARG A 330 12.64 -10.21 2.49
C ARG A 330 13.00 -8.80 2.04
N ASN A 331 12.85 -8.54 0.75
CA ASN A 331 13.20 -7.25 0.17
C ASN A 331 12.00 -6.29 0.17
N PHE A 332 11.21 -6.34 1.22
CA PHE A 332 10.06 -5.45 1.37
C PHE A 332 10.61 -4.06 1.65
N GLU A 333 10.11 -3.06 0.94
CA GLU A 333 10.62 -1.69 1.09
C GLU A 333 9.92 -0.81 2.14
N PHE A 334 8.65 -0.48 1.91
CA PHE A 334 7.93 0.44 2.79
C PHE A 334 6.47 0.11 2.82
N VAL A 335 5.84 0.43 3.94
CA VAL A 335 4.39 0.58 4.00
C VAL A 335 4.00 1.97 3.50
N GLU A 336 3.15 2.04 2.48
CA GLU A 336 2.64 3.32 2.00
C GLU A 336 1.58 3.85 2.97
N TYR A 337 1.87 4.95 3.66
CA TYR A 337 0.99 5.38 4.76
C TYR A 337 0.16 6.64 4.50
N ASP A 338 -1.16 6.50 4.62
CA ASP A 338 -2.11 7.61 4.56
C ASP A 338 -2.81 7.61 5.94
N ASP A 339 -2.91 8.76 6.59
CA ASP A 339 -3.49 8.85 7.95
C ASP A 339 -5.02 8.94 7.89
N ILE A 340 -5.68 7.85 8.23
CA ILE A 340 -7.12 7.71 8.00
C ILE A 340 -7.84 7.17 9.23
N THR A 341 -8.97 7.77 9.53
CA THR A 341 -9.84 7.28 10.59
C THR A 341 -11.09 6.66 9.99
N ILE A 342 -11.24 5.35 10.12
CA ILE A 342 -12.44 4.64 9.67
C ILE A 342 -13.30 4.32 10.89
N GLU A 343 -14.54 4.77 10.89
CA GLU A 343 -15.44 4.55 12.03
C GLU A 343 -15.67 3.05 12.24
N GLY A 344 -15.37 2.54 13.42
CA GLY A 344 -15.63 1.14 13.72
C GLY A 344 -14.45 0.22 13.49
N MET A 345 -13.34 0.80 13.06
CA MET A 345 -12.11 0.06 12.77
C MET A 345 -10.94 0.59 13.59
N ASP A 346 -10.72 -0.04 14.74
CA ASP A 346 -9.74 0.44 15.71
C ASP A 346 -8.36 -0.13 15.38
N VAL A 347 -7.46 0.77 14.97
CA VAL A 347 -6.11 0.40 14.58
C VAL A 347 -5.07 0.96 15.57
N SER A 348 -5.51 1.32 16.77
CA SER A 348 -4.63 1.93 17.77
C SER A 348 -3.50 0.98 18.22
N GLY A 349 -3.60 -0.30 17.87
CA GLY A 349 -2.54 -1.25 18.12
C GLY A 349 -1.29 -0.99 17.29
N TYR A 350 -1.45 -0.31 16.15
CA TYR A 350 -0.33 0.10 15.31
C TYR A 350 0.16 1.48 15.73
N ARG A 351 1.46 1.73 15.61
CA ARG A 351 1.99 3.06 15.93
C ARG A 351 3.03 3.46 14.91
N ILE A 352 3.12 4.76 14.64
CA ILE A 352 4.16 5.33 13.79
C ILE A 352 5.21 5.97 14.69
N GLU A 353 6.46 5.54 14.57
CA GLU A 353 7.56 6.20 15.27
C GLU A 353 8.81 6.20 14.42
N ASN A 354 9.42 7.37 14.28
N ASN A 354 9.45 7.36 14.31
CA ASN A 354 10.70 7.46 13.60
CA ASN A 354 10.71 7.50 13.59
C ASN A 354 10.71 6.81 12.23
C ASN A 354 10.71 6.82 12.23
N GLY A 355 9.70 7.09 11.43
CA GLY A 355 9.65 6.58 10.07
C GLY A 355 9.41 5.09 9.94
N GLU A 356 8.84 4.48 10.99
CA GLU A 356 8.48 3.07 10.92
C GLU A 356 7.11 2.85 11.52
N ILE A 357 6.43 1.80 11.07
CA ILE A 357 5.17 1.43 11.68
C ILE A 357 5.38 0.18 12.50
N HIS A 358 5.00 0.25 13.77
CA HIS A 358 5.09 -0.89 14.68
C HIS A 358 3.79 -1.68 14.61
N VAL A 359 3.90 -2.94 14.18
CA VAL A 359 2.76 -3.83 13.98
C VAL A 359 2.51 -4.58 15.30
N PRO A 360 1.27 -4.55 15.82
CA PRO A 360 1.02 -5.23 17.11
C PRO A 360 1.17 -6.75 17.01
N ALA A 361 1.46 -7.40 18.14
CA ALA A 361 1.67 -8.84 18.18
C ALA A 361 0.37 -9.59 18.48
N THR A 362 -0.74 -8.88 18.39
CA THR A 362 -2.06 -9.42 18.70
C THR A 362 -2.61 -10.26 17.54
N PRO A 363 -3.69 -11.02 17.78
CA PRO A 363 -4.16 -12.02 16.80
C PRO A 363 -4.68 -11.47 15.47
N GLY A 364 -4.54 -12.28 14.42
CA GLY A 364 -4.98 -11.93 13.07
C GLY A 364 -4.23 -10.70 12.62
N PHE A 365 -4.96 -9.70 12.11
CA PHE A 365 -4.32 -8.48 11.64
C PHE A 365 -4.21 -7.39 12.72
N GLY A 366 -4.65 -7.70 13.93
CA GLY A 366 -4.47 -6.79 15.05
C GLY A 366 -5.36 -5.57 15.00
N ILE A 367 -6.36 -5.63 14.13
CA ILE A 367 -7.34 -4.55 14.02
C ILE A 367 -8.60 -4.99 14.75
N VAL A 368 -9.12 -4.12 15.59
CA VAL A 368 -10.28 -4.44 16.40
C VAL A 368 -11.52 -3.74 15.86
N PHE A 369 -12.38 -4.51 15.19
CA PHE A 369 -13.60 -3.95 14.64
C PHE A 369 -14.67 -3.84 15.73
N ASP A 370 -15.49 -2.81 15.64
CA ASP A 370 -16.61 -2.60 16.57
C ASP A 370 -17.74 -3.54 16.17
N ASP A 371 -17.85 -4.68 16.83
CA ASP A 371 -18.82 -5.72 16.43
C ASP A 371 -20.25 -5.19 16.31
N GLU A 372 -20.66 -4.38 17.28
CA GLU A 372 -22.04 -3.89 17.30
C GLU A 372 -22.31 -2.89 16.18
N LEU A 373 -21.36 -2.01 15.92
CA LEU A 373 -21.51 -1.08 14.79
C LEU A 373 -21.56 -1.84 13.46
N VAL A 374 -20.66 -2.80 13.27
CA VAL A 374 -20.68 -3.54 12.00
C VAL A 374 -21.99 -4.32 11.86
N THR A 375 -22.46 -4.88 12.97
CA THR A 375 -23.74 -5.60 12.95
C THR A 375 -24.84 -4.65 12.50
N TYR A 376 -24.83 -3.43 13.01
CA TYR A 376 -25.84 -2.46 12.63
C TYR A 376 -25.73 -2.12 11.13
N LEU A 377 -24.51 -1.90 10.66
CA LEU A 377 -24.31 -1.51 9.26
C LEU A 377 -24.68 -2.65 8.31
N ILE A 378 -24.40 -3.88 8.71
CA ILE A 378 -24.83 -5.03 7.92
C ILE A 378 -26.35 -4.96 7.71
N ASN A 379 -27.08 -4.63 8.77
CA ASN A 379 -28.54 -4.55 8.69
C ASN A 379 -28.98 -3.33 7.88
N ARG A 380 -28.35 -2.20 8.14
CA ARG A 380 -28.73 -0.93 7.53
C ARG A 380 -28.54 -0.94 6.01
N SER A 381 -27.36 -1.30 5.55
CA SER A 381 -27.09 -1.25 4.11
C SER A 381 -26.31 -2.43 3.55
N GLY A 382 -25.83 -3.31 4.42
CA GLY A 382 -25.03 -4.45 3.97
C GLY A 382 -25.89 -5.68 3.75
N TRP A 383 -25.29 -6.85 3.89
CA TRP A 383 -26.03 -8.09 3.67
C TRP A 383 -25.39 -9.25 4.39
N SER A 384 -26.09 -10.39 4.41
CA SER A 384 -25.70 -11.53 5.21
C SER A 384 -26.14 -12.82 4.52
N GLU A 385 -25.31 -13.86 4.59
CA GLU A 385 -25.65 -15.18 4.08
C GLU A 385 -25.24 -16.21 5.12
N GLY A 386 -26.11 -17.20 5.36
CA GLY A 386 -25.86 -18.21 6.40
C GLY A 386 -26.48 -17.86 7.74
N HIS A 387 -26.17 -18.65 8.77
CA HIS A 387 -26.82 -18.47 10.08
C HIS A 387 -26.04 -19.06 11.25
MG MG B . 1.93 6.24 -7.51
MG MG C . 3.34 2.38 -14.41
N1 EPE D . -6.00 -3.74 -11.27
C2 EPE D . -5.46 -2.56 -11.95
C3 EPE D . -6.09 -1.28 -11.38
N4 EPE D . -7.54 -1.35 -11.44
C5 EPE D . -8.08 -2.58 -11.98
C6 EPE D . -7.47 -3.79 -11.28
C7 EPE D . -8.30 -0.13 -11.53
C8 EPE D . -7.89 0.69 -12.75
O8 EPE D . -8.17 -0.05 -13.92
C9 EPE D . -5.48 -4.96 -11.91
C10 EPE D . -4.84 -5.79 -10.81
S EPE D . -4.28 -7.39 -11.42
O1S EPE D . -4.87 -8.50 -10.67
O2S EPE D . -2.82 -7.42 -11.26
O3S EPE D . -4.63 -7.50 -12.84
#